data_6ORM
#
_entry.id   6ORM
#
_cell.length_a   88.642
_cell.length_b   88.642
_cell.length_c   179.094
_cell.angle_alpha   90.00
_cell.angle_beta   90.00
_cell.angle_gamma   90.00
#
_symmetry.space_group_name_H-M   'P 41 21 2'
#
loop_
_entity.id
_entity.type
_entity.pdbx_description
1 polymer Peruvianin-I
2 branched beta-D-mannopyranose-(1-4)-2-acetamido-2-deoxy-beta-D-glucopyranose-(1-4)-2-acetamido-2-deoxy-beta-D-glucopyranose
3 branched beta-D-mannopyranose-(1-4)-2-acetamido-2-deoxy-beta-D-glucopyranose-(1-4)-[alpha-L-fucopyranose-(1-3)]2-acetamido-2-deoxy-beta-D-glucopyranose
4 branched 2-acetamido-2-deoxy-beta-D-glucopyranose-(1-4)-2-acetamido-2-deoxy-beta-D-glucopyranose
5 water water
#
_entity_poly.entity_id   1
_entity_poly.type   'polypeptide(L)'
_entity_poly.pdbx_seq_one_letter_code
;RADPGPLQDFCLADLNSPLFINGYPCRNPALATSDDFIYSGFKQAPSGFDQWGLNVTFVTAGQFPALNTLGLTINRCVLL
PGGSTQFRTNPRASSLVMATEGEILEGFYSTNDNQLYVKRLTPGDLFIIPPGLMHFTVNVGTGNATFYASLNSQNPGGQI
VGLMDETVIAHLKAQYPNVVSQMLPSVNDRINSKIPVIKLPL
;
_entity_poly.pdbx_strand_id   A,B,C
#
loop_
_chem_comp.id
_chem_comp.type
_chem_comp.name
_chem_comp.formula
BMA D-saccharide, beta linking beta-D-mannopyranose 'C6 H12 O6'
FUC L-saccharide, alpha linking alpha-L-fucopyranose 'C6 H12 O5'
NAG D-saccharide, beta linking 2-acetamido-2-deoxy-beta-D-glucopyranose 'C8 H15 N O6'
#
# COMPACT_ATOMS: atom_id res chain seq x y z
N ALA A 2 -4.32 -10.40 1.86
CA ALA A 2 -3.88 -11.69 1.34
C ALA A 2 -3.65 -11.62 -0.16
N ASP A 3 -3.91 -10.47 -0.76
CA ASP A 3 -3.57 -10.26 -2.16
C ASP A 3 -2.08 -10.52 -2.38
N PRO A 4 -1.70 -11.17 -3.48
CA PRO A 4 -0.28 -11.31 -3.80
C PRO A 4 0.40 -9.94 -3.82
N GLY A 5 1.63 -9.90 -3.32
CA GLY A 5 2.41 -8.69 -3.33
C GLY A 5 2.80 -8.27 -4.73
N PRO A 6 2.93 -6.96 -4.95
CA PRO A 6 3.36 -6.48 -6.27
C PRO A 6 4.85 -6.72 -6.48
N LEU A 7 5.20 -7.06 -7.71
CA LEU A 7 6.58 -7.33 -8.09
C LEU A 7 7.17 -6.23 -8.96
N GLN A 8 6.50 -5.09 -9.04
CA GLN A 8 6.97 -3.91 -9.77
C GLN A 8 6.12 -2.74 -9.30
N ASP A 9 6.43 -1.54 -9.82
CA ASP A 9 5.74 -0.34 -9.36
C ASP A 9 4.24 -0.43 -9.57
N PHE A 10 3.82 -0.75 -10.79
CA PHE A 10 2.41 -0.86 -11.11
C PHE A 10 2.26 -1.83 -12.26
N CYS A 11 1.01 -2.18 -12.55
CA CYS A 11 0.69 -3.26 -13.48
C CYS A 11 -0.77 -3.12 -13.89
N LEU A 12 -1.07 -2.18 -14.79
CA LEU A 12 -2.45 -1.85 -15.09
C LEU A 12 -3.14 -3.05 -15.72
N ALA A 13 -4.30 -3.41 -15.16
CA ALA A 13 -5.06 -4.53 -15.68
C ALA A 13 -5.37 -4.34 -17.16
N ASP A 14 -5.00 -5.33 -17.98
CA ASP A 14 -5.43 -5.40 -19.37
C ASP A 14 -6.78 -6.10 -19.38
N LEU A 15 -7.86 -5.32 -19.38
CA LEU A 15 -9.20 -5.89 -19.27
C LEU A 15 -9.69 -6.56 -20.55
N ASN A 16 -9.06 -6.33 -21.69
CA ASN A 16 -9.46 -7.00 -22.91
C ASN A 16 -8.45 -8.08 -23.33
N SER A 17 -7.62 -8.54 -22.39
CA SER A 17 -6.71 -9.62 -22.69
C SER A 17 -7.50 -10.91 -22.89
N PRO A 18 -7.08 -11.77 -23.83
CA PRO A 18 -7.72 -13.08 -23.96
C PRO A 18 -7.28 -14.07 -22.90
N LEU A 19 -6.29 -13.73 -22.09
CA LEU A 19 -5.78 -14.63 -21.08
C LEU A 19 -6.54 -14.49 -19.78
N PHE A 20 -6.53 -15.57 -19.00
CA PHE A 20 -7.08 -15.56 -17.66
C PHE A 20 -6.00 -16.10 -16.73
N ILE A 21 -5.65 -15.30 -15.73
CA ILE A 21 -4.66 -15.66 -14.72
C ILE A 21 -5.22 -15.20 -13.37
N ASN A 22 -4.51 -15.58 -12.31
CA ASN A 22 -4.83 -15.03 -11.00
C ASN A 22 -4.71 -13.52 -11.05
N GLY A 23 -5.83 -12.84 -10.88
CA GLY A 23 -5.85 -11.39 -11.07
C GLY A 23 -6.05 -11.04 -12.53
N TYR A 24 -5.15 -10.23 -13.08
CA TYR A 24 -5.24 -9.77 -14.46
C TYR A 24 -3.84 -9.70 -15.06
N PRO A 25 -3.70 -10.05 -16.34
CA PRO A 25 -2.50 -9.64 -17.07
C PRO A 25 -2.46 -8.13 -17.18
N CYS A 26 -1.28 -7.61 -17.46
CA CYS A 26 -1.07 -6.17 -17.42
C CYS A 26 -0.77 -5.61 -18.81
N ARG A 27 -1.07 -4.33 -18.97
CA ARG A 27 -0.57 -3.58 -20.11
C ARG A 27 0.89 -3.23 -19.89
N ASN A 28 1.56 -2.87 -20.98
CA ASN A 28 2.95 -2.44 -20.93
C ASN A 28 3.10 -1.24 -20.01
N PRO A 29 3.81 -1.38 -18.89
CA PRO A 29 3.92 -0.25 -17.95
C PRO A 29 4.56 0.99 -18.56
N ALA A 30 5.37 0.83 -19.61
CA ALA A 30 5.96 1.97 -20.28
C ALA A 30 4.91 2.84 -20.96
N LEU A 31 3.72 2.29 -21.21
CA LEU A 31 2.64 3.02 -21.85
C LEU A 31 1.72 3.73 -20.85
N ALA A 32 1.90 3.47 -19.55
CA ALA A 32 1.07 4.12 -18.55
C ALA A 32 1.29 5.63 -18.55
N THR A 33 0.22 6.38 -18.32
CA THR A 33 0.26 7.83 -18.19
C THR A 33 -0.43 8.24 -16.90
N SER A 34 -0.34 9.55 -16.59
CA SER A 34 -0.98 10.07 -15.39
C SER A 34 -2.47 9.73 -15.34
N ASP A 35 -3.15 9.76 -16.50
CA ASP A 35 -4.58 9.51 -16.53
C ASP A 35 -4.95 8.12 -16.04
N ASP A 36 -4.00 7.17 -16.09
CA ASP A 36 -4.29 5.79 -15.68
C ASP A 36 -4.40 5.63 -14.18
N PHE A 37 -4.00 6.62 -13.39
CA PHE A 37 -3.96 6.49 -11.94
C PHE A 37 -5.03 7.29 -11.24
N ILE A 38 -5.91 7.94 -12.00
CA ILE A 38 -7.10 8.59 -11.48
C ILE A 38 -8.31 7.76 -11.88
N TYR A 39 -9.32 7.72 -11.01
CA TYR A 39 -10.61 7.11 -11.35
C TYR A 39 -11.71 8.03 -10.89
N SER A 40 -12.63 8.37 -11.80
CA SER A 40 -13.63 9.41 -11.56
C SER A 40 -15.05 8.84 -11.55
N GLY A 41 -15.20 7.52 -11.41
CA GLY A 41 -16.52 6.91 -11.48
C GLY A 41 -17.50 7.42 -10.45
N PHE A 42 -17.02 7.83 -9.28
CA PHE A 42 -17.93 8.29 -8.23
C PHE A 42 -18.62 9.60 -8.57
N LYS A 43 -18.17 10.29 -9.62
CA LYS A 43 -18.86 11.51 -10.05
C LYS A 43 -20.21 11.20 -10.69
N GLN A 44 -20.42 9.96 -11.13
CA GLN A 44 -21.74 9.54 -11.56
C GLN A 44 -22.55 9.12 -10.35
N ALA A 45 -23.69 9.76 -10.14
CA ALA A 45 -24.61 9.38 -9.10
C ALA A 45 -25.14 7.97 -9.33
N PRO A 46 -25.65 7.32 -8.30
CA PRO A 46 -26.32 6.02 -8.50
C PRO A 46 -27.36 6.12 -9.62
N SER A 47 -27.27 5.21 -10.58
CA SER A 47 -28.19 5.20 -11.71
C SER A 47 -29.43 4.35 -11.43
N GLY A 48 -29.44 3.62 -10.32
CA GLY A 48 -30.57 2.78 -9.96
C GLY A 48 -30.27 2.08 -8.65
N PHE A 49 -31.28 1.38 -8.16
CA PHE A 49 -31.17 0.69 -6.89
C PHE A 49 -31.76 -0.70 -7.03
N ASP A 50 -31.27 -1.64 -6.23
CA ASP A 50 -31.85 -2.97 -6.27
C ASP A 50 -33.19 -2.97 -5.55
N GLN A 51 -33.89 -4.11 -5.59
CA GLN A 51 -35.21 -4.22 -4.98
C GLN A 51 -35.22 -3.80 -3.51
N TRP A 52 -34.08 -3.83 -2.82
CA TRP A 52 -34.02 -3.55 -1.39
C TRP A 52 -33.51 -2.14 -1.10
N GLY A 53 -33.34 -1.32 -2.13
CA GLY A 53 -32.95 0.07 -1.96
C GLY A 53 -31.48 0.35 -1.86
N LEU A 54 -30.63 -0.55 -2.35
CA LEU A 54 -29.18 -0.37 -2.30
C LEU A 54 -28.62 -0.13 -3.70
N ASN A 55 -27.74 0.86 -3.82
CA ASN A 55 -26.88 0.99 -4.99
C ASN A 55 -25.43 0.85 -4.57
N VAL A 56 -24.69 -0.02 -5.26
CA VAL A 56 -23.26 -0.12 -5.09
C VAL A 56 -22.58 0.36 -6.36
N THR A 57 -21.65 1.31 -6.21
CA THR A 57 -20.76 1.72 -7.29
C THR A 57 -19.40 1.14 -6.98
N PHE A 58 -18.96 0.18 -7.80
CA PHE A 58 -17.78 -0.61 -7.52
C PHE A 58 -16.51 0.05 -8.05
N VAL A 59 -15.45 -0.01 -7.26
CA VAL A 59 -14.12 0.32 -7.75
C VAL A 59 -13.16 -0.79 -7.37
N THR A 60 -13.20 -1.89 -8.12
CA THR A 60 -12.19 -2.93 -8.06
C THR A 60 -11.26 -2.79 -9.27
N ALA A 61 -10.27 -3.68 -9.35
CA ALA A 61 -9.40 -3.70 -10.52
C ALA A 61 -10.18 -3.88 -11.82
N GLY A 62 -11.38 -4.45 -11.76
CA GLY A 62 -12.20 -4.58 -12.95
C GLY A 62 -12.67 -3.23 -13.50
N GLN A 63 -12.83 -2.24 -12.62
CA GLN A 63 -13.23 -0.90 -13.03
C GLN A 63 -12.07 0.07 -13.10
N PHE A 64 -11.05 -0.12 -12.28
CA PHE A 64 -9.95 0.82 -12.09
C PHE A 64 -8.67 0.03 -12.31
N PRO A 65 -8.22 -0.10 -13.57
CA PRO A 65 -7.11 -1.01 -13.88
C PRO A 65 -5.84 -0.78 -13.07
N ALA A 66 -5.59 0.45 -12.62
CA ALA A 66 -4.38 0.72 -11.84
C ALA A 66 -4.39 0.05 -10.48
N LEU A 67 -5.55 -0.43 -10.01
CA LEU A 67 -5.60 -1.16 -8.74
C LEU A 67 -4.97 -2.54 -8.84
N ASN A 68 -4.80 -3.07 -10.06
CA ASN A 68 -4.26 -4.41 -10.24
C ASN A 68 -2.90 -4.53 -9.57
N THR A 69 -2.76 -5.55 -8.71
CA THR A 69 -1.61 -5.93 -7.90
C THR A 69 -1.43 -5.05 -6.65
N LEU A 70 -2.23 -4.00 -6.45
CA LEU A 70 -1.95 -3.03 -5.40
C LEU A 70 -2.81 -3.20 -4.15
N GLY A 71 -3.71 -4.18 -4.14
CA GLY A 71 -4.28 -4.67 -2.90
C GLY A 71 -5.41 -3.87 -2.28
N LEU A 72 -6.08 -2.99 -3.03
CA LEU A 72 -7.09 -2.13 -2.44
C LEU A 72 -8.32 -2.00 -3.34
N THR A 73 -9.46 -1.77 -2.70
CA THR A 73 -10.73 -1.51 -3.36
C THR A 73 -11.51 -0.53 -2.49
N ILE A 74 -12.26 0.37 -3.13
CA ILE A 74 -13.24 1.18 -2.42
C ILE A 74 -14.57 1.10 -3.17
N ASN A 75 -15.64 0.84 -2.45
CA ASN A 75 -16.98 0.80 -3.01
C ASN A 75 -17.84 1.86 -2.34
N ARG A 76 -18.67 2.55 -3.12
CA ARG A 76 -19.65 3.49 -2.59
C ARG A 76 -21.01 2.81 -2.53
N CYS A 77 -21.65 2.89 -1.38
CA CYS A 77 -22.97 2.32 -1.16
C CYS A 77 -23.93 3.44 -0.80
N VAL A 78 -25.05 3.51 -1.53
CA VAL A 78 -26.11 4.47 -1.25
C VAL A 78 -27.38 3.69 -0.97
N LEU A 79 -28.04 4.02 0.14
CA LEU A 79 -29.26 3.37 0.57
C LEU A 79 -30.41 4.36 0.51
N LEU A 80 -31.45 4.03 -0.25
CA LEU A 80 -32.67 4.80 -0.21
C LEU A 80 -33.28 4.73 1.19
N PRO A 81 -34.20 5.63 1.51
CA PRO A 81 -34.96 5.50 2.77
C PRO A 81 -35.57 4.11 2.87
N GLY A 82 -35.48 3.51 4.06
CA GLY A 82 -35.92 2.15 4.27
C GLY A 82 -35.04 1.09 3.64
N GLY A 83 -33.96 1.48 2.96
CA GLY A 83 -33.15 0.51 2.27
C GLY A 83 -32.21 -0.24 3.19
N SER A 84 -31.80 -1.43 2.73
CA SER A 84 -30.88 -2.25 3.48
C SER A 84 -30.10 -3.11 2.50
N THR A 85 -28.97 -3.62 2.97
CA THR A 85 -28.07 -4.43 2.14
C THR A 85 -28.45 -5.90 2.12
N GLN A 86 -29.36 -6.33 3.01
CA GLN A 86 -29.58 -7.74 3.31
C GLN A 86 -28.30 -8.26 3.95
N PHE A 87 -28.23 -9.55 4.25
CA PHE A 87 -27.03 -10.12 4.84
C PHE A 87 -26.03 -10.44 3.75
N ARG A 88 -24.81 -9.91 3.88
CA ARG A 88 -23.80 -10.04 2.84
C ARG A 88 -22.46 -10.40 3.45
N THR A 89 -21.57 -10.92 2.60
CA THR A 89 -20.18 -11.16 2.95
C THR A 89 -19.27 -10.56 1.89
N ASN A 90 -18.06 -10.23 2.32
CA ASN A 90 -16.94 -9.94 1.41
C ASN A 90 -15.94 -11.07 1.59
N PRO A 91 -15.97 -12.10 0.76
CA PRO A 91 -15.23 -13.34 1.08
C PRO A 91 -13.73 -13.18 1.26
N ARG A 92 -13.07 -12.24 0.58
CA ARG A 92 -11.62 -12.23 0.54
C ARG A 92 -11.00 -10.93 1.03
N ALA A 93 -11.70 -10.16 1.86
CA ALA A 93 -11.09 -8.93 2.38
C ALA A 93 -11.84 -8.45 3.61
N SER A 94 -11.10 -7.75 4.47
CA SER A 94 -11.72 -6.90 5.47
C SER A 94 -12.44 -5.74 4.79
N SER A 95 -13.40 -5.15 5.49
CA SER A 95 -14.11 -3.98 5.01
C SER A 95 -14.13 -2.93 6.10
N LEU A 96 -13.58 -1.75 5.79
CA LEU A 96 -13.60 -0.60 6.68
C LEU A 96 -14.62 0.39 6.13
N VAL A 97 -15.74 0.52 6.82
CA VAL A 97 -16.86 1.33 6.37
C VAL A 97 -16.73 2.73 6.95
N MET A 98 -16.88 3.75 6.10
CA MET A 98 -17.00 5.13 6.55
C MET A 98 -18.34 5.69 6.13
N ALA A 99 -19.16 6.07 7.10
CA ALA A 99 -20.42 6.75 6.83
C ALA A 99 -20.15 8.21 6.51
N THR A 100 -20.80 8.72 5.46
CA THR A 100 -20.64 10.10 5.04
C THR A 100 -21.94 10.89 4.94
N GLU A 101 -23.09 10.24 4.81
CA GLU A 101 -24.36 10.94 4.71
C GLU A 101 -25.44 10.08 5.35
N GLY A 102 -26.35 10.72 6.08
CA GLY A 102 -27.44 9.98 6.71
C GLY A 102 -26.95 9.20 7.91
N GLU A 103 -27.74 8.19 8.29
CA GLU A 103 -27.46 7.37 9.45
C GLU A 103 -27.84 5.92 9.17
N ILE A 104 -26.98 5.01 9.60
CA ILE A 104 -27.12 3.59 9.28
C ILE A 104 -26.93 2.76 10.53
N LEU A 105 -27.55 1.59 10.54
CA LEU A 105 -27.19 0.51 11.45
C LEU A 105 -26.24 -0.42 10.70
N GLU A 106 -25.03 -0.59 11.25
CA GLU A 106 -24.01 -1.43 10.65
C GLU A 106 -23.63 -2.51 11.64
N GLY A 107 -23.65 -3.77 11.19
CA GLY A 107 -23.29 -4.86 12.08
C GLY A 107 -22.69 -6.04 11.33
N PHE A 108 -21.92 -6.85 12.08
CA PHE A 108 -21.43 -8.13 11.58
C PHE A 108 -21.61 -9.19 12.66
N TYR A 109 -21.64 -10.45 12.22
CA TYR A 109 -21.75 -11.60 13.10
C TYR A 109 -20.42 -12.34 13.15
N SER A 110 -19.98 -12.70 14.35
CA SER A 110 -18.76 -13.48 14.49
C SER A 110 -19.02 -14.95 14.21
N THR A 111 -17.94 -15.73 14.14
CA THR A 111 -18.04 -17.17 13.98
C THR A 111 -18.31 -17.89 15.29
N ASN A 112 -18.45 -17.16 16.40
CA ASN A 112 -18.74 -17.75 17.70
C ASN A 112 -20.24 -17.61 17.96
N ASP A 113 -21.02 -18.58 17.49
CA ASP A 113 -22.49 -18.59 17.61
C ASP A 113 -23.11 -17.30 17.07
N ASN A 114 -22.49 -16.72 16.05
CA ASN A 114 -23.05 -15.55 15.36
C ASN A 114 -23.36 -14.43 16.34
N GLN A 115 -22.46 -14.19 17.31
CA GLN A 115 -22.59 -13.02 18.15
C GLN A 115 -22.59 -11.76 17.27
N LEU A 116 -23.55 -10.88 17.53
CA LEU A 116 -23.76 -9.70 16.70
C LEU A 116 -23.08 -8.49 17.31
N TYR A 117 -22.25 -7.81 16.53
CA TYR A 117 -21.64 -6.54 16.91
C TYR A 117 -22.22 -5.48 15.98
N VAL A 118 -23.02 -4.59 16.54
CA VAL A 118 -23.83 -3.65 15.76
C VAL A 118 -23.78 -2.27 16.41
N LYS A 119 -23.68 -1.24 15.58
CA LYS A 119 -23.65 0.14 16.05
C LYS A 119 -24.38 1.02 15.05
N ARG A 120 -24.96 2.10 15.57
CA ARG A 120 -25.50 3.15 14.72
C ARG A 120 -24.37 4.08 14.30
N LEU A 121 -24.29 4.37 13.00
CA LEU A 121 -23.26 5.22 12.43
C LEU A 121 -23.87 6.51 11.89
N THR A 122 -23.19 7.63 12.13
CA THR A 122 -23.52 8.92 11.54
C THR A 122 -22.30 9.40 10.76
N PRO A 123 -22.41 10.44 9.91
CA PRO A 123 -21.27 10.82 9.06
C PRO A 123 -19.98 11.03 9.84
N GLY A 124 -18.89 10.44 9.33
CA GLY A 124 -17.60 10.48 9.99
C GLY A 124 -17.22 9.19 10.69
N ASP A 125 -18.22 8.41 11.09
CA ASP A 125 -17.99 7.16 11.83
C ASP A 125 -17.30 6.12 10.95
N LEU A 126 -16.45 5.32 11.59
CA LEU A 126 -15.83 4.17 10.93
C LEU A 126 -16.30 2.90 11.64
N PHE A 127 -16.40 1.83 10.87
CA PHE A 127 -16.79 0.53 11.40
C PHE A 127 -16.04 -0.52 10.60
N ILE A 128 -15.41 -1.46 11.31
CA ILE A 128 -14.54 -2.45 10.68
C ILE A 128 -15.25 -3.80 10.66
N ILE A 129 -15.26 -4.44 9.50
CA ILE A 129 -15.83 -5.76 9.28
C ILE A 129 -14.67 -6.74 9.03
N PRO A 130 -14.45 -7.72 9.88
CA PRO A 130 -13.39 -8.71 9.62
C PRO A 130 -13.66 -9.48 8.35
N PRO A 131 -12.63 -10.06 7.73
CA PRO A 131 -12.81 -10.66 6.40
C PRO A 131 -13.78 -11.84 6.42
N GLY A 132 -14.70 -11.84 5.45
CA GLY A 132 -15.57 -12.97 5.21
C GLY A 132 -16.78 -13.05 6.12
N LEU A 133 -16.88 -12.20 7.13
CA LEU A 133 -17.94 -12.33 8.12
C LEU A 133 -19.24 -11.70 7.63
N MET A 134 -20.34 -12.36 7.94
CA MET A 134 -21.66 -11.89 7.55
C MET A 134 -21.94 -10.53 8.17
N HIS A 135 -22.45 -9.61 7.36
CA HIS A 135 -22.69 -8.25 7.82
C HIS A 135 -23.90 -7.66 7.10
N PHE A 136 -24.29 -6.47 7.52
CA PHE A 136 -25.44 -5.79 6.95
C PHE A 136 -25.35 -4.30 7.24
N THR A 137 -26.09 -3.53 6.46
CA THR A 137 -26.34 -2.13 6.71
C THR A 137 -27.81 -1.84 6.51
N VAL A 138 -28.41 -1.08 7.43
CA VAL A 138 -29.79 -0.63 7.32
C VAL A 138 -29.82 0.88 7.45
N ASN A 139 -30.57 1.53 6.57
CA ASN A 139 -30.78 2.98 6.63
C ASN A 139 -31.80 3.30 7.73
N VAL A 140 -31.36 4.00 8.78
CA VAL A 140 -32.24 4.37 9.88
C VAL A 140 -32.41 5.88 9.99
N GLY A 141 -31.85 6.66 9.07
CA GLY A 141 -31.98 8.09 9.07
C GLY A 141 -32.96 8.59 8.01
N THR A 142 -32.95 9.91 7.84
CA THR A 142 -33.79 10.55 6.85
C THR A 142 -33.04 10.68 5.53
N GLY A 143 -33.77 10.57 4.43
CA GLY A 143 -33.17 10.62 3.11
C GLY A 143 -32.25 9.43 2.83
N ASN A 144 -31.33 9.65 1.89
CA ASN A 144 -30.37 8.64 1.51
C ASN A 144 -29.25 8.53 2.53
N ALA A 145 -28.75 7.31 2.70
CA ALA A 145 -27.54 7.06 3.47
C ALA A 145 -26.42 6.71 2.50
N THR A 146 -25.25 7.30 2.69
CA THR A 146 -24.08 7.01 1.88
C THR A 146 -22.93 6.57 2.77
N PHE A 147 -22.27 5.48 2.40
CA PHE A 147 -21.05 5.08 3.07
C PHE A 147 -20.09 4.45 2.06
N TYR A 148 -18.80 4.53 2.38
CA TYR A 148 -17.74 3.98 1.55
C TYR A 148 -17.09 2.82 2.28
N ALA A 149 -16.90 1.71 1.57
CA ALA A 149 -16.22 0.54 2.10
C ALA A 149 -14.83 0.47 1.49
N SER A 150 -13.80 0.56 2.34
CA SER A 150 -12.42 0.30 1.93
C SER A 150 -12.09 -1.15 2.24
N LEU A 151 -11.61 -1.88 1.24
CA LEU A 151 -11.31 -3.30 1.39
C LEU A 151 -9.89 -3.59 0.95
N ASN A 152 -9.22 -4.49 1.68
CA ASN A 152 -7.81 -4.81 1.40
C ASN A 152 -7.70 -5.97 0.40
N SER A 153 -8.32 -5.76 -0.76
CA SER A 153 -8.12 -6.63 -1.91
C SER A 153 -8.52 -5.84 -3.16
N GLN A 154 -7.86 -6.15 -4.28
CA GLN A 154 -8.27 -5.56 -5.54
C GLN A 154 -9.59 -6.14 -6.04
N ASN A 155 -10.06 -7.24 -5.47
CA ASN A 155 -11.29 -7.89 -5.89
C ASN A 155 -11.83 -8.70 -4.72
N PRO A 156 -12.37 -8.04 -3.70
CA PRO A 156 -12.79 -8.76 -2.49
C PRO A 156 -13.89 -9.78 -2.73
N GLY A 157 -14.72 -9.57 -3.74
CA GLY A 157 -15.90 -10.39 -3.93
C GLY A 157 -17.04 -9.95 -3.04
N GLY A 158 -18.26 -10.25 -3.47
CA GLY A 158 -19.45 -9.90 -2.71
C GLY A 158 -20.52 -10.95 -2.90
N GLN A 159 -21.17 -11.37 -1.82
CA GLN A 159 -22.15 -12.44 -1.89
C GLN A 159 -23.32 -12.09 -0.99
N ILE A 160 -24.54 -12.20 -1.52
CA ILE A 160 -25.73 -12.08 -0.69
C ILE A 160 -25.97 -13.43 -0.04
N VAL A 161 -26.04 -13.43 1.28
CA VAL A 161 -25.99 -14.64 2.08
C VAL A 161 -27.31 -14.93 2.80
N GLY A 162 -28.17 -13.94 2.96
CA GLY A 162 -29.48 -14.08 3.60
C GLY A 162 -30.26 -12.81 3.33
N LEU A 163 -31.53 -12.80 3.73
CA LEU A 163 -32.44 -11.78 3.22
C LEU A 163 -32.87 -10.72 4.25
N MET A 164 -33.32 -11.12 5.45
CA MET A 164 -34.14 -10.26 6.35
C MET A 164 -35.57 -10.28 5.85
N ALA B 2 0.26 -7.09 2.68
CA ALA B 2 1.46 -7.73 3.24
C ALA B 2 1.36 -7.84 4.75
N ASP B 3 0.31 -7.27 5.33
CA ASP B 3 0.02 -7.51 6.74
C ASP B 3 -0.19 -9.01 6.97
N PRO B 4 0.33 -9.56 8.06
CA PRO B 4 0.03 -10.96 8.40
C PRO B 4 -1.48 -11.19 8.44
N GLY B 5 -1.90 -12.36 7.94
CA GLY B 5 -3.29 -12.73 7.95
C GLY B 5 -3.81 -12.95 9.37
N PRO B 6 -5.09 -12.66 9.59
CA PRO B 6 -5.67 -12.91 10.91
C PRO B 6 -5.91 -14.39 11.13
N LEU B 7 -5.71 -14.82 12.38
CA LEU B 7 -5.89 -16.22 12.77
C LEU B 7 -7.13 -16.42 13.62
N GLN B 8 -8.01 -15.44 13.67
CA GLN B 8 -9.29 -15.50 14.37
C GLN B 8 -10.14 -14.34 13.87
N ASP B 9 -11.37 -14.25 14.37
CA ASP B 9 -12.31 -13.24 13.88
C ASP B 9 -11.77 -11.84 14.09
N PHE B 10 -11.35 -11.53 15.31
CA PHE B 10 -10.80 -10.22 15.63
C PHE B 10 -9.83 -10.37 16.79
N CYS B 11 -9.11 -9.29 17.05
CA CYS B 11 -8.00 -9.31 17.99
C CYS B 11 -7.67 -7.88 18.39
N LEU B 12 -8.49 -7.28 19.27
CA LEU B 12 -8.36 -5.86 19.55
C LEU B 12 -7.00 -5.56 20.17
N ALA B 13 -6.30 -4.59 19.59
CA ALA B 13 -5.00 -4.20 20.10
C ALA B 13 -5.11 -3.82 21.57
N ASP B 14 -4.29 -4.46 22.40
CA ASP B 14 -4.10 -4.05 23.78
C ASP B 14 -3.00 -3.01 23.78
N LEU B 15 -3.38 -1.74 23.72
CA LEU B 15 -2.39 -0.67 23.63
C LEU B 15 -1.69 -0.41 24.95
N ASN B 16 -2.18 -0.98 26.05
CA ASN B 16 -1.53 -0.82 27.35
C ASN B 16 -0.74 -2.05 27.76
N SER B 17 -0.47 -2.95 26.82
CA SER B 17 0.31 -4.13 27.14
C SER B 17 1.76 -3.75 27.38
N PRO B 18 2.44 -4.39 28.33
CA PRO B 18 3.89 -4.18 28.48
C PRO B 18 4.71 -4.97 27.47
N LEU B 19 4.09 -5.87 26.71
CA LEU B 19 4.82 -6.68 25.74
C LEU B 19 4.86 -5.97 24.40
N PHE B 20 5.91 -6.26 23.63
CA PHE B 20 6.08 -5.74 22.29
C PHE B 20 6.29 -6.91 21.34
N ILE B 21 5.43 -7.01 20.33
CA ILE B 21 5.49 -8.06 19.33
C ILE B 21 5.22 -7.41 17.98
N ASN B 22 5.35 -8.21 16.92
CA ASN B 22 4.94 -7.74 15.60
C ASN B 22 3.47 -7.38 15.65
N GLY B 23 3.15 -6.10 15.50
CA GLY B 23 1.79 -5.63 15.68
C GLY B 23 1.52 -5.31 17.14
N TYR B 24 0.45 -5.90 17.67
CA TYR B 24 0.03 -5.67 19.05
C TYR B 24 -0.48 -6.96 19.66
N PRO B 25 -0.20 -7.21 20.94
CA PRO B 25 -0.98 -8.21 21.66
C PRO B 25 -2.43 -7.78 21.73
N CYS B 26 -3.31 -8.73 22.03
CA CYS B 26 -4.74 -8.46 21.93
C CYS B 26 -5.41 -8.51 23.30
N ARG B 27 -6.55 -7.83 23.37
CA ARG B 27 -7.46 -8.02 24.48
C ARG B 27 -8.18 -9.36 24.33
N ASN B 28 -8.74 -9.83 25.43
CA ASN B 28 -9.54 -11.05 25.43
C ASN B 28 -10.74 -10.88 24.50
N PRO B 29 -10.80 -11.64 23.39
CA PRO B 29 -11.91 -11.44 22.43
C PRO B 29 -13.28 -11.66 23.04
N ALA B 30 -13.39 -12.44 24.12
CA ALA B 30 -14.69 -12.63 24.77
C ALA B 30 -15.21 -11.36 25.41
N LEU B 31 -14.34 -10.39 25.70
CA LEU B 31 -14.75 -9.13 26.32
C LEU B 31 -15.09 -8.06 25.29
N ALA B 32 -14.82 -8.30 24.01
CA ALA B 32 -15.12 -7.31 22.99
C ALA B 32 -16.62 -7.06 22.92
N THR B 33 -16.99 -5.80 22.69
CA THR B 33 -18.39 -5.42 22.52
C THR B 33 -18.54 -4.64 21.23
N SER B 34 -19.79 -4.33 20.90
CA SER B 34 -20.09 -3.56 19.69
C SER B 34 -19.32 -2.25 19.66
N ASP B 35 -19.14 -1.62 20.82
CA ASP B 35 -18.46 -0.33 20.88
C ASP B 35 -17.03 -0.41 20.38
N ASP B 36 -16.42 -1.61 20.42
CA ASP B 36 -15.04 -1.77 20.00
C ASP B 36 -14.84 -1.72 18.50
N PHE B 37 -15.91 -1.78 17.71
CA PHE B 37 -15.77 -1.86 16.26
C PHE B 37 -16.18 -0.59 15.54
N ILE B 38 -16.55 0.44 16.29
CA ILE B 38 -16.79 1.78 15.75
C ILE B 38 -15.64 2.68 16.16
N TYR B 39 -15.30 3.62 15.27
CA TYR B 39 -14.34 4.66 15.59
C TYR B 39 -14.87 6.00 15.11
N SER B 40 -14.89 6.97 16.02
CA SER B 40 -15.56 8.25 15.78
C SER B 40 -14.58 9.41 15.77
N GLY B 41 -13.28 9.14 15.59
CA GLY B 41 -12.29 10.20 15.63
C GLY B 41 -12.49 11.29 14.59
N PHE B 42 -13.06 10.94 13.43
CA PHE B 42 -13.20 11.92 12.35
C PHE B 42 -14.22 13.01 12.67
N LYS B 43 -15.02 12.83 13.71
CA LYS B 43 -15.95 13.88 14.12
C LYS B 43 -15.27 15.05 14.76
N GLN B 44 -14.05 14.88 15.24
CA GLN B 44 -13.26 16.02 15.65
C GLN B 44 -12.60 16.65 14.44
N ALA B 45 -12.87 17.93 14.21
CA ALA B 45 -12.20 18.69 13.17
C ALA B 45 -10.70 18.77 13.45
N PRO B 46 -9.89 19.05 12.44
CA PRO B 46 -8.47 19.31 12.68
C PRO B 46 -8.28 20.36 13.76
N SER B 47 -7.45 20.02 14.76
CA SER B 47 -7.17 20.92 15.86
C SER B 47 -5.99 21.83 15.56
N GLY B 48 -5.28 21.59 14.47
CA GLY B 48 -4.14 22.41 14.10
C GLY B 48 -3.57 21.88 12.80
N PHE B 49 -2.60 22.64 12.28
CA PHE B 49 -1.97 22.31 11.02
C PHE B 49 -0.47 22.49 11.13
N ASP B 50 0.28 21.75 10.32
CA ASP B 50 1.72 21.92 10.34
C ASP B 50 2.10 23.19 9.57
N GLN B 51 3.40 23.52 9.58
CA GLN B 51 3.89 24.71 8.90
C GLN B 51 3.47 24.78 7.44
N TRP B 52 3.14 23.64 6.83
CA TRP B 52 2.82 23.60 5.41
C TRP B 52 1.33 23.55 5.15
N GLY B 53 0.51 23.71 6.19
CA GLY B 53 -0.93 23.77 6.02
C GLY B 53 -1.61 22.43 5.96
N LEU B 54 -0.98 21.37 6.46
CA LEU B 54 -1.56 20.04 6.42
C LEU B 54 -1.93 19.59 7.82
N ASN B 55 -3.12 19.03 7.96
CA ASN B 55 -3.49 18.26 9.15
C ASN B 55 -3.79 16.84 8.75
N VAL B 56 -3.20 15.89 9.47
CA VAL B 56 -3.51 14.47 9.32
C VAL B 56 -4.19 13.99 10.59
N THR B 57 -5.36 13.36 10.43
CA THR B 57 -6.04 12.67 11.52
C THR B 57 -5.88 11.17 11.24
N PHE B 58 -5.13 10.48 12.10
CA PHE B 58 -4.72 9.10 11.85
C PHE B 58 -5.74 8.11 12.40
N VAL B 59 -6.01 7.06 11.62
CA VAL B 59 -6.75 5.91 12.13
C VAL B 59 -5.99 4.63 11.78
N THR B 60 -4.94 4.35 12.55
CA THR B 60 -4.25 3.07 12.51
C THR B 60 -4.68 2.24 13.72
N ALA B 61 -4.14 1.02 13.81
CA ALA B 61 -4.40 0.19 14.97
C ALA B 61 -4.01 0.88 16.28
N GLY B 62 -3.11 1.86 16.22
CA GLY B 62 -2.76 2.62 17.40
C GLY B 62 -3.89 3.48 17.92
N GLN B 63 -4.77 3.93 17.03
CA GLN B 63 -5.93 4.74 17.41
C GLN B 63 -7.22 3.93 17.46
N PHE B 64 -7.32 2.89 16.64
CA PHE B 64 -8.55 2.11 16.44
C PHE B 64 -8.17 0.66 16.69
N PRO B 65 -8.18 0.21 17.95
CA PRO B 65 -7.65 -1.12 18.28
C PRO B 65 -8.27 -2.26 17.49
N ALA B 66 -9.52 -2.13 17.05
CA ALA B 66 -10.16 -3.22 16.31
C ALA B 66 -9.53 -3.47 14.96
N LEU B 67 -8.73 -2.52 14.45
CA LEU B 67 -8.03 -2.73 13.19
C LEU B 67 -6.91 -3.75 13.31
N ASN B 68 -6.48 -4.05 14.53
CA ASN B 68 -5.37 -4.97 14.74
C ASN B 68 -5.67 -6.32 14.08
N THR B 69 -4.74 -6.77 13.23
CA THR B 69 -4.72 -8.00 12.42
C THR B 69 -5.59 -7.90 11.16
N LEU B 70 -6.34 -6.83 10.95
CA LEU B 70 -7.35 -6.81 9.90
C LEU B 70 -6.91 -6.05 8.65
N GLY B 71 -5.71 -5.47 8.65
CA GLY B 71 -5.07 -5.09 7.40
C GLY B 71 -5.50 -3.79 6.76
N LEU B 72 -6.14 -2.89 7.50
CA LEU B 72 -6.64 -1.66 6.89
C LEU B 72 -6.38 -0.46 7.78
N THR B 73 -6.21 0.70 7.13
CA THR B 73 -6.06 2.00 7.75
C THR B 73 -6.75 3.01 6.87
N ILE B 74 -7.37 4.02 7.49
CA ILE B 74 -7.82 5.20 6.76
C ILE B 74 -7.34 6.44 7.51
N ASN B 75 -6.77 7.37 6.76
CA ASN B 75 -6.33 8.65 7.30
C ASN B 75 -7.08 9.78 6.61
N ARG B 76 -7.47 10.78 7.38
CA ARG B 76 -8.06 11.99 6.82
C ARG B 76 -7.00 13.08 6.75
N CYS B 77 -6.88 13.70 5.59
CA CYS B 77 -5.94 14.80 5.37
C CYS B 77 -6.74 16.04 4.99
N VAL B 78 -6.47 17.14 5.70
CA VAL B 78 -7.06 18.44 5.38
C VAL B 78 -5.92 19.41 5.10
N LEU B 79 -6.02 20.11 3.97
CA LEU B 79 -5.02 21.08 3.54
C LEU B 79 -5.64 22.47 3.55
N LEU B 80 -5.03 23.40 4.28
CA LEU B 80 -5.41 24.80 4.17
C LEU B 80 -5.15 25.29 2.75
N PRO B 81 -5.74 26.43 2.37
CA PRO B 81 -5.38 27.04 1.08
C PRO B 81 -3.86 27.23 0.99
N GLY B 82 -3.32 26.94 -0.19
CA GLY B 82 -1.89 26.98 -0.35
C GLY B 82 -1.15 25.85 0.32
N GLY B 83 -1.86 24.91 0.95
CA GLY B 83 -1.20 23.88 1.72
C GLY B 83 -0.62 22.79 0.85
N SER B 84 0.34 22.07 1.43
CA SER B 84 1.00 20.98 0.74
C SER B 84 1.42 19.95 1.77
N THR B 85 1.59 18.71 1.29
CA THR B 85 1.97 17.60 2.15
C THR B 85 3.47 17.43 2.25
N GLN B 86 4.22 18.11 1.37
CA GLN B 86 5.63 17.86 1.11
C GLN B 86 5.81 16.48 0.51
N PHE B 87 7.05 16.09 0.22
CA PHE B 87 7.27 14.78 -0.37
C PHE B 87 7.28 13.71 0.71
N ARG B 88 6.42 12.71 0.54
CA ARG B 88 6.22 11.70 1.57
C ARG B 88 6.15 10.31 0.95
N THR B 89 6.35 9.30 1.79
CA THR B 89 6.14 7.91 1.45
C THR B 89 5.28 7.24 2.51
N ASN B 90 4.57 6.19 2.10
CA ASN B 90 3.94 5.23 3.00
C ASN B 90 4.70 3.92 2.85
N PRO B 91 5.68 3.64 3.71
CA PRO B 91 6.64 2.56 3.42
C PRO B 91 6.02 1.18 3.23
N ARG B 92 4.91 0.86 3.91
CA ARG B 92 4.45 -0.53 3.99
C ARG B 92 3.02 -0.71 3.49
N ALA B 93 2.51 0.17 2.63
CA ALA B 93 1.16 -0.02 2.12
C ALA B 93 0.95 0.79 0.86
N SER B 94 0.04 0.30 0.01
CA SER B 94 -0.57 1.13 -1.01
C SER B 94 -1.43 2.19 -0.33
N SER B 95 -1.67 3.28 -1.06
CA SER B 95 -2.58 4.34 -0.59
C SER B 95 -3.57 4.66 -1.71
N LEU B 96 -4.85 4.49 -1.42
CA LEU B 96 -5.92 4.86 -2.33
C LEU B 96 -6.56 6.14 -1.81
N VAL B 97 -6.33 7.24 -2.52
CA VAL B 97 -6.77 8.56 -2.09
C VAL B 97 -8.13 8.87 -2.70
N MET B 98 -9.06 9.33 -1.87
CA MET B 98 -10.34 9.87 -2.34
C MET B 98 -10.45 11.32 -1.93
N ALA B 99 -10.54 12.20 -2.92
CA ALA B 99 -10.81 13.61 -2.65
C ALA B 99 -12.30 13.77 -2.36
N THR B 100 -12.62 14.53 -1.31
CA THR B 100 -14.00 14.75 -0.92
C THR B 100 -14.38 16.22 -0.84
N GLU B 101 -13.42 17.13 -0.72
CA GLU B 101 -13.70 18.55 -0.66
C GLU B 101 -12.53 19.31 -1.27
N GLY B 102 -12.84 20.34 -2.04
CA GLY B 102 -11.82 21.15 -2.66
C GLY B 102 -11.18 20.47 -3.86
N GLU B 103 -10.00 20.96 -4.25
CA GLU B 103 -9.27 20.46 -5.41
C GLU B 103 -7.79 20.40 -5.11
N ILE B 104 -7.16 19.30 -5.53
CA ILE B 104 -5.78 19.01 -5.21
C ILE B 104 -5.03 18.54 -6.44
N LEU B 105 -3.72 18.76 -6.42
CA LEU B 105 -2.79 18.05 -7.29
C LEU B 105 -2.21 16.87 -6.52
N GLU B 106 -2.38 15.67 -7.04
CA GLU B 106 -1.88 14.45 -6.42
C GLU B 106 -0.94 13.77 -7.41
N GLY B 107 0.27 13.43 -6.94
CA GLY B 107 1.21 12.76 -7.80
C GLY B 107 2.13 11.83 -7.03
N PHE B 108 2.66 10.84 -7.74
CA PHE B 108 3.69 9.96 -7.21
C PHE B 108 4.77 9.76 -8.26
N TYR B 109 5.96 9.38 -7.79
CA TYR B 109 7.11 9.11 -8.66
C TYR B 109 7.39 7.61 -8.68
N SER B 110 7.60 7.07 -9.88
CA SER B 110 7.95 5.68 -10.03
C SER B 110 9.44 5.46 -9.73
N THR B 111 9.84 4.19 -9.69
CA THR B 111 11.25 3.85 -9.51
C THR B 111 12.03 3.88 -10.81
N ASN B 112 11.39 4.21 -11.93
CA ASN B 112 12.05 4.27 -13.24
C ASN B 112 12.38 5.73 -13.53
N ASP B 113 13.54 6.17 -13.06
CA ASP B 113 14.01 7.55 -13.20
C ASP B 113 12.99 8.56 -12.65
N ASN B 114 12.22 8.16 -11.64
CA ASN B 114 11.30 9.06 -10.95
C ASN B 114 10.35 9.73 -11.94
N GLN B 115 9.83 8.96 -12.90
CA GLN B 115 8.77 9.47 -13.74
C GLN B 115 7.59 9.90 -12.88
N LEU B 116 7.06 11.08 -13.15
CA LEU B 116 6.03 11.67 -12.33
C LEU B 116 4.66 11.45 -12.96
N TYR B 117 3.75 10.85 -12.20
CA TYR B 117 2.35 10.68 -12.60
C TYR B 117 1.53 11.56 -11.66
N VAL B 118 0.92 12.61 -12.21
CA VAL B 118 0.26 13.63 -11.41
C VAL B 118 -1.07 13.97 -12.08
N LYS B 119 -2.11 14.15 -11.26
CA LYS B 119 -3.43 14.49 -11.76
C LYS B 119 -4.12 15.45 -10.80
N ARG B 120 -5.01 16.26 -11.36
CA ARG B 120 -5.89 17.10 -10.57
C ARG B 120 -7.07 16.29 -10.10
N LEU B 121 -7.36 16.35 -8.80
CA LEU B 121 -8.49 15.64 -8.21
C LEU B 121 -9.51 16.63 -7.69
N THR B 122 -10.78 16.36 -7.98
CA THR B 122 -11.90 17.11 -7.43
C THR B 122 -12.79 16.12 -6.67
N PRO B 123 -13.77 16.56 -5.88
CA PRO B 123 -14.51 15.62 -5.03
C PRO B 123 -15.09 14.44 -5.81
N GLY B 124 -14.88 13.24 -5.27
CA GLY B 124 -15.29 12.01 -5.90
C GLY B 124 -14.15 11.24 -6.55
N ASP B 125 -13.11 11.94 -6.98
CA ASP B 125 -12.00 11.30 -7.68
C ASP B 125 -11.19 10.41 -6.74
N LEU B 126 -10.63 9.33 -7.32
CA LEU B 126 -9.72 8.44 -6.63
C LEU B 126 -8.37 8.49 -7.32
N PHE B 127 -7.32 8.26 -6.53
CA PHE B 127 -5.96 8.21 -7.05
C PHE B 127 -5.18 7.19 -6.23
N ILE B 128 -4.49 6.28 -6.92
CA ILE B 128 -3.81 5.17 -6.27
C ILE B 128 -2.31 5.42 -6.28
N ILE B 129 -1.69 5.29 -5.11
CA ILE B 129 -0.26 5.42 -4.95
C ILE B 129 0.31 4.03 -4.61
N PRO B 130 1.15 3.46 -5.47
CA PRO B 130 1.74 2.15 -5.17
C PRO B 130 2.56 2.19 -3.89
N PRO B 131 2.78 1.04 -3.25
CA PRO B 131 3.38 1.04 -1.92
C PRO B 131 4.79 1.61 -1.92
N GLY B 132 5.07 2.48 -0.94
CA GLY B 132 6.41 2.96 -0.69
C GLY B 132 6.89 4.08 -1.60
N LEU B 133 6.11 4.45 -2.61
CA LEU B 133 6.58 5.39 -3.62
C LEU B 133 6.40 6.82 -3.14
N MET B 134 7.39 7.67 -3.48
CA MET B 134 7.34 9.07 -3.12
C MET B 134 6.15 9.75 -3.78
N HIS B 135 5.41 10.54 -3.00
CA HIS B 135 4.21 11.19 -3.49
C HIS B 135 4.01 12.52 -2.79
N PHE B 136 3.01 13.28 -3.24
CA PHE B 136 2.70 14.57 -2.67
C PHE B 136 1.27 14.95 -3.00
N THR B 137 0.74 15.90 -2.23
CA THR B 137 -0.53 16.55 -2.52
C THR B 137 -0.38 18.05 -2.32
N VAL B 138 -0.93 18.83 -3.25
CA VAL B 138 -0.95 20.27 -3.17
C VAL B 138 -2.39 20.74 -3.30
N ASN B 139 -2.78 21.67 -2.43
CA ASN B 139 -4.09 22.31 -2.52
C ASN B 139 -4.05 23.35 -3.62
N VAL B 140 -4.82 23.14 -4.69
CA VAL B 140 -4.90 24.08 -5.80
C VAL B 140 -6.27 24.74 -5.88
N GLY B 141 -7.12 24.51 -4.88
CA GLY B 141 -8.46 25.04 -4.88
C GLY B 141 -8.59 26.30 -4.04
N THR B 142 -9.83 26.72 -3.84
CA THR B 142 -10.08 28.00 -3.18
C THR B 142 -10.15 27.87 -1.66
N GLY B 143 -10.83 26.88 -1.14
CA GLY B 143 -11.00 26.66 0.27
C GLY B 143 -10.09 25.55 0.77
N ASN B 144 -10.55 24.87 1.81
CA ASN B 144 -9.81 23.74 2.32
C ASN B 144 -10.00 22.55 1.38
N ALA B 145 -8.97 21.72 1.28
CA ALA B 145 -9.07 20.46 0.57
C ALA B 145 -9.10 19.33 1.59
N THR B 146 -10.01 18.39 1.41
CA THR B 146 -10.11 17.21 2.26
C THR B 146 -10.02 15.98 1.38
N PHE B 147 -9.17 15.03 1.78
CA PHE B 147 -9.12 13.74 1.12
C PHE B 147 -8.83 12.67 2.16
N TYR B 148 -9.26 11.45 1.87
CA TYR B 148 -9.05 10.30 2.72
C TYR B 148 -8.15 9.30 2.02
N ALA B 149 -7.14 8.82 2.72
CA ALA B 149 -6.23 7.79 2.21
C ALA B 149 -6.59 6.46 2.86
N SER B 150 -7.00 5.49 2.04
CA SER B 150 -7.18 4.12 2.48
C SER B 150 -5.92 3.33 2.18
N LEU B 151 -5.39 2.66 3.19
CA LEU B 151 -4.14 1.92 3.05
C LEU B 151 -4.31 0.48 3.49
N ASN B 152 -3.67 -0.43 2.78
CA ASN B 152 -3.80 -1.86 3.04
C ASN B 152 -2.75 -2.32 4.07
N SER B 153 -2.78 -1.64 5.22
CA SER B 153 -2.02 -2.06 6.38
C SER B 153 -2.66 -1.44 7.61
N GLN B 154 -2.58 -2.15 8.74
CA GLN B 154 -3.02 -1.55 10.00
C GLN B 154 -2.07 -0.46 10.49
N ASN B 155 -0.87 -0.38 9.92
CA ASN B 155 0.14 0.60 10.33
C ASN B 155 1.09 0.84 9.18
N PRO B 156 0.66 1.56 8.13
CA PRO B 156 1.50 1.70 6.93
C PRO B 156 2.80 2.43 7.19
N GLY B 157 2.83 3.31 8.17
CA GLY B 157 3.96 4.20 8.35
C GLY B 157 3.91 5.39 7.41
N GLY B 158 4.57 6.47 7.84
CA GLY B 158 4.62 7.69 7.06
C GLY B 158 5.95 8.39 7.25
N GLN B 159 6.55 8.85 6.16
CA GLN B 159 7.87 9.45 6.22
C GLN B 159 7.96 10.63 5.27
N ILE B 160 8.43 11.77 5.77
CA ILE B 160 8.76 12.91 4.93
C ILE B 160 10.16 12.72 4.38
N VAL B 161 10.30 12.79 3.06
CA VAL B 161 11.56 12.44 2.41
C VAL B 161 12.24 13.64 1.78
N ALA C 2 7.38 -10.22 0.91
CA ALA C 2 6.03 -9.94 0.41
C ALA C 2 5.88 -10.38 -1.03
N ASP C 3 6.97 -10.87 -1.62
CA ASP C 3 6.89 -11.49 -2.93
C ASP C 3 5.92 -12.66 -2.89
N PRO C 4 5.09 -12.83 -3.91
CA PRO C 4 4.24 -14.03 -3.99
C PRO C 4 5.08 -15.30 -3.87
N GLY C 5 4.54 -16.29 -3.17
CA GLY C 5 5.21 -17.56 -3.01
C GLY C 5 5.32 -18.31 -4.32
N PRO C 6 6.38 -19.09 -4.49
CA PRO C 6 6.51 -19.89 -5.71
C PRO C 6 5.58 -21.09 -5.67
N LEU C 7 5.03 -21.44 -6.83
CA LEU C 7 4.11 -22.55 -6.97
C LEU C 7 4.73 -23.74 -7.70
N GLN C 8 6.05 -23.74 -7.83
CA GLN C 8 6.81 -24.83 -8.45
C GLN C 8 8.27 -24.61 -8.08
N ASP C 9 9.14 -25.54 -8.51
CA ASP C 9 10.55 -25.49 -8.13
C ASP C 9 11.20 -24.18 -8.58
N PHE C 10 11.06 -23.85 -9.86
CA PHE C 10 11.63 -22.65 -10.41
C PHE C 10 10.79 -22.21 -11.60
N CYS C 11 11.07 -21.01 -12.09
CA CYS C 11 10.25 -20.37 -13.09
C CYS C 11 11.06 -19.23 -13.72
N LEU C 12 12.01 -19.58 -14.59
CA LEU C 12 12.95 -18.57 -15.07
C LEU C 12 12.22 -17.52 -15.88
N ALA C 13 12.48 -16.25 -15.55
CA ALA C 13 11.84 -15.13 -16.23
C ALA C 13 12.06 -15.22 -17.74
N ASP C 14 10.96 -15.18 -18.49
CA ASP C 14 11.02 -15.00 -19.94
C ASP C 14 11.03 -13.51 -20.20
N LEU C 15 12.24 -12.95 -20.33
CA LEU C 15 12.39 -11.52 -20.53
C LEU C 15 12.03 -11.07 -21.95
N ASN C 16 11.86 -12.02 -22.87
CA ASN C 16 11.47 -11.69 -24.24
C ASN C 16 9.98 -11.92 -24.48
N SER C 17 9.20 -12.09 -23.42
CA SER C 17 7.77 -12.29 -23.58
C SER C 17 7.09 -10.98 -23.98
N PRO C 18 6.08 -11.03 -24.85
CA PRO C 18 5.27 -9.84 -25.11
C PRO C 18 4.23 -9.61 -24.03
N LEU C 19 4.08 -10.54 -23.10
CA LEU C 19 3.07 -10.41 -22.06
C LEU C 19 3.63 -9.69 -20.85
N PHE C 20 2.72 -9.04 -20.13
CA PHE C 20 3.06 -8.35 -18.89
C PHE C 20 2.13 -8.85 -17.81
N ILE C 21 2.70 -9.37 -16.73
CA ILE C 21 1.96 -9.85 -15.58
C ILE C 21 2.72 -9.40 -14.34
N ASN C 22 2.12 -9.63 -13.18
CA ASN C 22 2.83 -9.42 -11.93
C ASN C 22 4.08 -10.29 -11.92
N GLY C 23 5.25 -9.65 -11.93
CA GLY C 23 6.50 -10.37 -12.08
C GLY C 23 6.83 -10.61 -13.54
N TYR C 24 7.07 -11.88 -13.90
CA TYR C 24 7.42 -12.26 -15.24
C TYR C 24 6.77 -13.58 -15.61
N PRO C 25 6.31 -13.73 -16.86
CA PRO C 25 6.03 -15.08 -17.37
C PRO C 25 7.34 -15.86 -17.44
N CYS C 26 7.22 -17.19 -17.51
CA CYS C 26 8.37 -18.07 -17.37
C CYS C 26 8.69 -18.80 -18.66
N ARG C 27 9.95 -19.23 -18.78
CA ARG C 27 10.32 -20.19 -19.81
C ARG C 27 9.82 -21.58 -19.40
N ASN C 28 9.79 -22.49 -20.37
CA ASN C 28 9.47 -23.89 -20.11
C ASN C 28 10.49 -24.45 -19.11
N PRO C 29 10.06 -24.82 -17.90
CA PRO C 29 11.04 -25.34 -16.92
C PRO C 29 11.76 -26.58 -17.39
N ALA C 30 11.17 -27.34 -18.32
CA ALA C 30 11.84 -28.51 -18.87
C ALA C 30 13.08 -28.14 -19.67
N LEU C 31 13.17 -26.89 -20.14
CA LEU C 31 14.32 -26.42 -20.91
C LEU C 31 15.41 -25.82 -20.05
N ALA C 32 15.15 -25.60 -18.76
CA ALA C 32 16.15 -25.03 -17.87
C ALA C 32 17.36 -25.95 -17.74
N THR C 33 18.54 -25.35 -17.66
CA THR C 33 19.78 -26.08 -17.46
C THR C 33 20.52 -25.50 -16.27
N SER C 34 21.59 -26.19 -15.88
CA SER C 34 22.41 -25.75 -14.75
C SER C 34 22.87 -24.30 -14.93
N ASP C 35 23.23 -23.93 -16.16
CA ASP C 35 23.73 -22.59 -16.44
C ASP C 35 22.70 -21.52 -16.14
N ASP C 36 21.42 -21.87 -16.09
CA ASP C 36 20.37 -20.88 -15.83
C ASP C 36 20.35 -20.44 -14.37
N PHE C 37 21.06 -21.13 -13.49
CA PHE C 37 21.01 -20.85 -12.07
C PHE C 37 22.30 -20.22 -11.54
N ILE C 38 23.26 -19.95 -12.41
CA ILE C 38 24.44 -19.18 -12.07
C ILE C 38 24.30 -17.80 -12.70
N TYR C 39 24.79 -16.78 -12.00
CA TYR C 39 24.88 -15.43 -12.56
C TYR C 39 26.26 -14.88 -12.26
N SER C 40 26.94 -14.40 -13.30
CA SER C 40 28.34 -14.02 -13.21
C SER C 40 28.55 -12.54 -13.45
N GLY C 41 27.49 -11.73 -13.34
CA GLY C 41 27.59 -10.30 -13.63
C GLY C 41 28.62 -9.59 -12.76
N PHE C 42 28.82 -10.06 -11.53
CA PHE C 42 29.77 -9.42 -10.64
C PHE C 42 31.22 -9.59 -11.09
N LYS C 43 31.49 -10.44 -12.08
CA LYS C 43 32.83 -10.53 -12.64
C LYS C 43 33.19 -9.27 -13.42
N GLN C 44 32.21 -8.50 -13.85
CA GLN C 44 32.45 -7.20 -14.47
C GLN C 44 32.65 -6.15 -13.37
N ALA C 45 33.80 -5.48 -13.40
CA ALA C 45 34.01 -4.33 -12.53
C ALA C 45 33.04 -3.21 -12.92
N PRO C 46 32.78 -2.27 -12.00
CA PRO C 46 31.98 -1.10 -12.37
C PRO C 46 32.50 -0.42 -13.63
N SER C 47 31.60 -0.18 -14.58
CA SER C 47 31.96 0.46 -15.84
C SER C 47 31.82 1.97 -15.79
N GLY C 48 31.26 2.52 -14.73
CA GLY C 48 31.09 3.95 -14.63
C GLY C 48 30.41 4.27 -13.32
N PHE C 49 30.31 5.56 -13.02
CA PHE C 49 29.73 6.01 -11.76
C PHE C 49 28.80 7.18 -12.01
N ASP C 50 27.80 7.33 -11.14
CA ASP C 50 26.85 8.43 -11.28
C ASP C 50 27.49 9.75 -10.82
N GLN C 51 26.70 10.84 -10.90
CA GLN C 51 27.21 12.20 -10.60
C GLN C 51 28.03 12.23 -9.34
N TRP C 52 27.62 11.36 -8.45
CA TRP C 52 27.95 11.42 -7.04
C TRP C 52 28.90 10.33 -6.61
N GLY C 53 29.43 9.54 -7.55
CA GLY C 53 30.41 8.53 -7.21
C GLY C 53 29.88 7.18 -6.83
N LEU C 54 28.65 6.84 -7.22
CA LEU C 54 28.07 5.53 -6.94
C LEU C 54 27.91 4.73 -8.23
N ASN C 55 28.31 3.46 -8.19
CA ASN C 55 27.94 2.50 -9.21
C ASN C 55 27.14 1.37 -8.55
N VAL C 56 25.98 1.06 -9.12
CA VAL C 56 25.19 -0.10 -8.71
C VAL C 56 25.22 -1.12 -9.82
N THR C 57 25.59 -2.35 -9.49
CA THR C 57 25.48 -3.50 -10.39
C THR C 57 24.28 -4.33 -9.90
N PHE C 58 23.22 -4.36 -10.70
CA PHE C 58 21.95 -4.92 -10.28
C PHE C 58 21.89 -6.41 -10.59
N VAL C 59 21.37 -7.18 -9.64
CA VAL C 59 20.99 -8.55 -9.91
C VAL C 59 19.57 -8.77 -9.39
N THR C 60 18.59 -8.30 -10.16
CA THR C 60 17.19 -8.63 -9.95
C THR C 60 16.79 -9.68 -10.97
N ALA C 61 15.52 -10.10 -10.90
CA ALA C 61 15.01 -11.02 -11.92
C ALA C 61 15.16 -10.48 -13.33
N GLY C 62 15.26 -9.16 -13.48
CA GLY C 62 15.49 -8.57 -14.79
C GLY C 62 16.85 -8.92 -15.36
N GLN C 63 17.85 -9.13 -14.51
CA GLN C 63 19.19 -9.52 -14.94
C GLN C 63 19.45 -11.00 -14.78
N PHE C 64 18.82 -11.63 -13.78
CA PHE C 64 19.10 -13.01 -13.38
C PHE C 64 17.76 -13.73 -13.40
N PRO C 65 17.33 -14.22 -14.57
CA PRO C 65 15.97 -14.78 -14.70
C PRO C 65 15.61 -15.85 -13.68
N ALA C 66 16.60 -16.61 -13.18
CA ALA C 66 16.29 -17.67 -12.22
C ALA C 66 15.79 -17.12 -10.89
N LEU C 67 15.98 -15.83 -10.61
CA LEU C 67 15.45 -15.25 -9.39
C LEU C 67 13.94 -15.11 -9.41
N ASN C 68 13.33 -15.21 -10.60
CA ASN C 68 11.88 -15.06 -10.72
C ASN C 68 11.15 -16.05 -9.84
N THR C 69 10.24 -15.52 -9.01
CA THR C 69 9.38 -16.20 -8.02
C THR C 69 10.12 -16.59 -6.74
N LEU C 70 11.44 -16.39 -6.66
CA LEU C 70 12.22 -16.94 -5.55
C LEU C 70 12.56 -15.92 -4.48
N GLY C 71 12.16 -14.66 -4.65
CA GLY C 71 12.10 -13.73 -3.53
C GLY C 71 13.39 -13.10 -3.09
N LEU C 72 14.43 -13.10 -3.93
CA LEU C 72 15.72 -12.57 -3.51
C LEU C 72 16.37 -11.75 -4.61
N THR C 73 17.16 -10.76 -4.19
CA THR C 73 17.96 -9.91 -5.06
C THR C 73 19.26 -9.60 -4.34
N ILE C 74 20.34 -9.46 -5.10
CA ILE C 74 21.59 -8.95 -4.58
C ILE C 74 22.07 -7.82 -5.48
N ASN C 75 22.46 -6.70 -4.88
CA ASN C 75 23.04 -5.59 -5.61
C ASN C 75 24.41 -5.29 -5.05
N ARG C 76 25.37 -5.05 -5.94
CA ARG C 76 26.71 -4.62 -5.54
C ARG C 76 26.82 -3.11 -5.74
N CYS C 77 27.27 -2.41 -4.71
CA CYS C 77 27.47 -0.97 -4.77
C CYS C 77 28.93 -0.66 -4.50
N VAL C 78 29.54 0.14 -5.38
CA VAL C 78 30.90 0.63 -5.21
C VAL C 78 30.85 2.14 -5.17
N LEU C 79 31.50 2.74 -4.17
CA LEU C 79 31.53 4.18 -3.99
C LEU C 79 32.97 4.66 -4.18
N LEU C 80 33.15 5.59 -5.11
CA LEU C 80 34.43 6.27 -5.24
C LEU C 80 34.74 7.04 -3.96
N PRO C 81 36.00 7.43 -3.75
CA PRO C 81 36.32 8.33 -2.64
C PRO C 81 35.43 9.57 -2.69
N GLY C 82 34.93 9.98 -1.53
CA GLY C 82 33.99 11.07 -1.44
C GLY C 82 32.60 10.77 -1.96
N GLY C 83 32.36 9.54 -2.43
CA GLY C 83 31.08 9.22 -3.03
C GLY C 83 30.00 8.94 -2.01
N SER C 84 28.74 9.11 -2.46
CA SER C 84 27.59 8.85 -1.62
C SER C 84 26.41 8.45 -2.51
N THR C 85 25.41 7.82 -1.89
CA THR C 85 24.23 7.33 -2.59
C THR C 85 23.10 8.35 -2.66
N GLN C 86 23.18 9.45 -1.92
CA GLN C 86 22.03 10.32 -1.64
C GLN C 86 21.03 9.56 -0.79
N PHE C 87 19.90 10.20 -0.51
CA PHE C 87 18.84 9.55 0.23
C PHE C 87 18.02 8.70 -0.73
N ARG C 88 17.90 7.41 -0.41
CA ARG C 88 17.25 6.45 -1.29
C ARG C 88 16.32 5.57 -0.48
N THR C 89 15.39 4.94 -1.18
CA THR C 89 14.52 3.93 -0.60
C THR C 89 14.53 2.69 -1.48
N ASN C 90 14.27 1.53 -0.86
CA ASN C 90 13.92 0.31 -1.56
C ASN C 90 12.46 0.03 -1.23
N PRO C 91 11.52 0.46 -2.08
CA PRO C 91 10.11 0.49 -1.66
C PRO C 91 9.52 -0.84 -1.24
N ARG C 92 9.99 -1.96 -1.78
CA ARG C 92 9.29 -3.23 -1.60
C ARG C 92 10.16 -4.33 -0.99
N ALA C 93 11.21 -3.97 -0.25
CA ALA C 93 12.02 -5.01 0.38
C ALA C 93 12.86 -4.42 1.50
N SER C 94 13.16 -5.27 2.48
CA SER C 94 14.27 -5.00 3.38
C SER C 94 15.57 -5.08 2.59
N SER C 95 16.61 -4.42 3.13
CA SER C 95 17.94 -4.48 2.55
C SER C 95 18.93 -4.81 3.66
N LEU C 96 19.66 -5.91 3.49
CA LEU C 96 20.72 -6.31 4.41
C LEU C 96 22.05 -6.00 3.74
N VAL C 97 22.76 -5.01 4.26
CA VAL C 97 24.00 -4.52 3.65
C VAL C 97 25.18 -5.22 4.31
N MET C 98 26.09 -5.74 3.49
CA MET C 98 27.37 -6.26 3.97
C MET C 98 28.49 -5.43 3.34
N ALA C 99 29.28 -4.77 4.19
CA ALA C 99 30.46 -4.08 3.71
C ALA C 99 31.57 -5.10 3.50
N THR C 100 32.26 -5.00 2.35
CA THR C 100 33.33 -5.92 2.01
C THR C 100 34.65 -5.24 1.69
N GLU C 101 34.65 -3.96 1.32
CA GLU C 101 35.88 -3.23 1.03
C GLU C 101 35.69 -1.78 1.42
N GLY C 102 36.75 -1.18 1.95
CA GLY C 102 36.68 0.21 2.31
C GLY C 102 35.87 0.43 3.58
N GLU C 103 35.41 1.67 3.76
CA GLU C 103 34.71 2.05 4.98
C GLU C 103 33.60 3.02 4.62
N ILE C 104 32.42 2.79 5.21
CA ILE C 104 31.21 3.56 4.87
C ILE C 104 30.49 3.98 6.14
N LEU C 105 29.78 5.10 6.03
CA LEU C 105 28.73 5.47 6.97
C LEU C 105 27.39 5.04 6.40
N GLU C 106 26.65 4.20 7.12
CA GLU C 106 25.37 3.67 6.68
C GLU C 106 24.28 4.05 7.68
N GLY C 107 23.19 4.62 7.19
CA GLY C 107 22.09 4.98 8.06
C GLY C 107 20.74 4.92 7.37
N PHE C 108 19.69 4.77 8.19
CA PHE C 108 18.31 4.90 7.75
C PHE C 108 17.55 5.73 8.76
N TYR C 109 16.45 6.33 8.29
CA TYR C 109 15.54 7.12 9.12
C TYR C 109 14.26 6.34 9.36
N SER C 110 13.81 6.32 10.61
CA SER C 110 12.54 5.68 10.94
C SER C 110 11.37 6.59 10.56
N THR C 111 10.15 6.05 10.68
CA THR C 111 8.96 6.85 10.46
C THR C 111 8.56 7.66 11.69
N ASN C 112 9.32 7.56 12.78
CA ASN C 112 9.02 8.30 14.00
C ASN C 112 9.86 9.57 13.98
N ASP C 113 9.31 10.59 13.30
CA ASP C 113 9.96 11.88 13.10
C ASP C 113 11.40 11.73 12.59
N ASN C 114 11.60 10.72 11.75
CA ASN C 114 12.87 10.48 11.05
C ASN C 114 14.05 10.40 12.00
N GLN C 115 13.87 9.68 13.11
CA GLN C 115 15.02 9.35 13.96
C GLN C 115 16.05 8.59 13.14
N LEU C 116 17.31 9.00 13.28
CA LEU C 116 18.39 8.47 12.46
C LEU C 116 19.11 7.35 13.18
N TYR C 117 19.20 6.20 12.54
CA TYR C 117 20.00 5.08 13.02
C TYR C 117 21.14 4.92 12.03
N VAL C 118 22.35 5.24 12.47
CA VAL C 118 23.50 5.33 11.58
C VAL C 118 24.68 4.66 12.26
N LYS C 119 25.45 3.89 11.50
CA LYS C 119 26.59 3.18 12.07
C LYS C 119 27.73 3.26 11.07
N ARG C 120 28.99 3.27 11.50
CA ARG C 120 29.91 3.16 10.37
C ARG C 120 30.43 1.75 10.29
N LEU C 121 30.56 1.28 9.06
CA LEU C 121 30.81 -0.11 8.74
C LEU C 121 32.19 -0.30 8.12
N THR C 122 32.85 -1.36 8.54
CA THR C 122 34.10 -1.80 7.95
C THR C 122 33.90 -3.21 7.39
N PRO C 123 34.83 -3.76 6.60
CA PRO C 123 34.57 -5.06 5.95
C PRO C 123 34.15 -6.13 6.94
N GLY C 124 33.10 -6.86 6.58
CA GLY C 124 32.51 -7.90 7.40
C GLY C 124 31.24 -7.47 8.11
N ASP C 125 31.08 -6.18 8.35
CA ASP C 125 29.93 -5.67 9.09
C ASP C 125 28.64 -5.79 8.27
N LEU C 126 27.54 -6.01 8.98
CA LEU C 126 26.21 -6.03 8.41
C LEU C 126 25.37 -4.90 8.99
N PHE C 127 24.44 -4.40 8.19
CA PHE C 127 23.52 -3.36 8.61
C PHE C 127 22.19 -3.61 7.92
N ILE C 128 21.10 -3.60 8.68
CA ILE C 128 19.78 -3.95 8.16
C ILE C 128 18.95 -2.68 8.01
N ILE C 129 18.35 -2.52 6.84
CA ILE C 129 17.46 -1.41 6.51
C ILE C 129 16.04 -1.95 6.41
N PRO C 130 15.12 -1.55 7.28
CA PRO C 130 13.72 -2.01 7.17
C PRO C 130 13.12 -1.58 5.85
N PRO C 131 12.08 -2.27 5.38
CA PRO C 131 11.58 -2.01 4.01
C PRO C 131 11.04 -0.61 3.85
N GLY C 132 11.43 0.03 2.73
CA GLY C 132 10.86 1.30 2.34
C GLY C 132 11.42 2.52 3.03
N LEU C 133 12.29 2.35 4.02
CA LEU C 133 12.74 3.47 4.83
C LEU C 133 13.89 4.21 4.14
N MET C 134 13.86 5.53 4.24
CA MET C 134 14.90 6.37 3.66
C MET C 134 16.25 6.04 4.27
N HIS C 135 17.26 5.86 3.42
CA HIS C 135 18.57 5.46 3.89
C HIS C 135 19.64 6.05 2.98
N PHE C 136 20.90 5.87 3.39
CA PHE C 136 22.03 6.41 2.65
C PHE C 136 23.29 5.66 3.08
N THR C 137 24.30 5.72 2.21
CA THR C 137 25.65 5.34 2.60
C THR C 137 26.63 6.33 1.98
N VAL C 138 27.61 6.75 2.77
CA VAL C 138 28.67 7.65 2.31
C VAL C 138 30.02 6.99 2.54
N ASN C 139 30.89 7.09 1.55
CA ASN C 139 32.26 6.59 1.67
C ASN C 139 33.05 7.52 2.57
N VAL C 140 33.47 7.02 3.73
CA VAL C 140 34.24 7.81 4.68
C VAL C 140 35.66 7.32 4.85
N GLY C 141 36.06 6.29 4.12
CA GLY C 141 37.43 5.82 4.14
C GLY C 141 38.18 6.23 2.89
N THR C 142 39.39 5.71 2.76
CA THR C 142 40.20 6.00 1.59
C THR C 142 39.98 4.92 0.53
N GLY C 143 40.17 5.30 -0.73
CA GLY C 143 39.93 4.44 -1.85
C GLY C 143 38.45 4.14 -2.04
N ASN C 144 38.19 3.05 -2.77
CA ASN C 144 36.82 2.64 -3.04
C ASN C 144 36.22 1.89 -1.86
N ALA C 145 34.92 2.07 -1.68
CA ALA C 145 34.13 1.29 -0.73
C ALA C 145 33.22 0.35 -1.52
N THR C 146 33.17 -0.91 -1.10
CA THR C 146 32.28 -1.89 -1.71
C THR C 146 31.40 -2.52 -0.64
N PHE C 147 30.11 -2.61 -0.92
CA PHE C 147 29.17 -3.33 -0.07
C PHE C 147 28.12 -3.99 -0.96
N TYR C 148 27.53 -5.07 -0.45
CA TYR C 148 26.50 -5.82 -1.14
C TYR C 148 25.18 -5.68 -0.39
N ALA C 149 24.11 -5.39 -1.12
CA ALA C 149 22.78 -5.30 -0.55
C ALA C 149 21.99 -6.55 -0.91
N SER C 150 21.61 -7.32 0.11
CA SER C 150 20.69 -8.44 -0.04
C SER C 150 19.28 -7.96 0.29
N LEU C 151 18.35 -8.19 -0.64
CA LEU C 151 16.98 -7.73 -0.48
C LEU C 151 16.01 -8.88 -0.70
N ASN C 152 14.95 -8.90 0.12
CA ASN C 152 13.97 -10.00 0.08
C ASN C 152 12.86 -9.71 -0.93
N SER C 153 13.29 -9.47 -2.17
CA SER C 153 12.36 -9.39 -3.29
C SER C 153 13.15 -9.63 -4.57
N GLN C 154 12.49 -10.21 -5.57
CA GLN C 154 13.12 -10.34 -6.88
C GLN C 154 13.23 -9.00 -7.60
N ASN C 155 12.52 -7.97 -7.15
CA ASN C 155 12.55 -6.66 -7.77
C ASN C 155 12.16 -5.62 -6.72
N PRO C 156 13.05 -5.32 -5.78
CA PRO C 156 12.67 -4.43 -4.68
C PRO C 156 12.32 -3.03 -5.13
N GLY C 157 12.87 -2.57 -6.24
CA GLY C 157 12.73 -1.19 -6.67
C GLY C 157 13.71 -0.28 -5.95
N GLY C 158 14.03 0.85 -6.59
CA GLY C 158 14.96 1.81 -6.02
C GLY C 158 14.56 3.21 -6.43
N GLN C 159 14.59 4.14 -5.48
CA GLN C 159 14.13 5.50 -5.71
C GLN C 159 15.03 6.49 -4.97
N ILE C 160 15.48 7.53 -5.68
CA ILE C 160 16.17 8.63 -5.01
C ILE C 160 15.12 9.57 -4.44
N VAL C 161 15.17 9.82 -3.14
CA VAL C 161 14.14 10.60 -2.45
C VAL C 161 14.67 11.92 -1.91
N GLY C 162 15.98 12.16 -1.96
CA GLY C 162 16.57 13.38 -1.44
C GLY C 162 18.02 13.46 -1.85
N LEU C 163 18.63 14.63 -1.61
CA LEU C 163 19.89 14.96 -2.28
C LEU C 163 21.09 15.15 -1.37
N MET C 164 20.91 15.22 -0.05
CA MET C 164 22.05 15.23 0.85
C MET C 164 23.07 16.35 0.58
C1 NAG D . -25.44 1.96 -9.10
C2 NAG D . -25.91 1.09 -10.25
C3 NAG D . -24.76 0.86 -11.22
C4 NAG D . -24.11 2.18 -11.62
C5 NAG D . -23.83 3.07 -10.39
C6 NAG D . -23.37 4.46 -10.75
C7 NAG D . -27.72 -0.54 -9.93
C8 NAG D . -28.09 -1.89 -9.38
N2 NAG D . -26.44 -0.18 -9.79
O3 NAG D . -25.25 0.19 -12.38
O4 NAG D . -22.84 1.91 -12.21
O5 NAG D . -25.01 3.21 -9.59
O6 NAG D . -24.38 5.20 -11.44
O7 NAG D . -28.54 0.19 -10.48
C1 NAG D . -22.92 1.92 -13.63
C2 NAG D . -21.47 1.95 -14.12
C3 NAG D . -21.41 1.83 -15.64
C4 NAG D . -22.19 0.62 -16.11
C5 NAG D . -23.61 0.69 -15.57
C6 NAG D . -24.45 -0.51 -15.93
C7 NAG D . -20.00 3.24 -12.63
C8 NAG D . -19.42 4.58 -12.32
N2 NAG D . -20.82 3.18 -13.68
O3 NAG D . -20.03 1.72 -16.01
O4 NAG D . -22.24 0.57 -17.53
O5 NAG D . -23.56 0.76 -14.14
O6 NAG D . -24.09 -1.65 -15.17
O7 NAG D . -19.74 2.25 -11.94
C1 BMA D . -21.15 -0.23 -18.04
C2 BMA D . -21.65 -1.01 -19.25
C3 BMA D . -20.48 -1.79 -19.83
C4 BMA D . -19.31 -0.86 -20.18
C5 BMA D . -18.90 -0.02 -18.94
C6 BMA D . -17.88 1.07 -19.23
O2 BMA D . -22.09 -0.12 -20.27
O3 BMA D . -20.87 -2.54 -20.98
O4 BMA D . -18.19 -1.62 -20.62
O5 BMA D . -20.08 0.63 -18.41
O6 BMA D . -16.86 0.56 -20.06
C1 NAG E . -31.08 9.45 -3.37
C2 NAG E . -31.76 10.80 -3.56
C3 NAG E . -32.46 10.85 -4.92
C4 NAG E . -31.47 10.53 -6.03
C5 NAG E . -30.78 9.19 -5.74
C6 NAG E . -29.66 8.88 -6.71
C7 NAG E . -32.55 12.10 -1.65
C8 NAG E . -33.59 12.25 -0.58
N2 NAG E . -32.70 11.07 -2.47
O3 NAG E . -33.04 12.13 -5.14
O4 NAG E . -32.16 10.45 -7.28
O5 NAG E . -30.18 9.22 -4.44
O6 NAG E . -28.55 9.76 -6.49
O7 NAG E . -31.61 12.88 -1.74
C1 NAG E . -31.53 11.19 -8.35
C2 NAG E . -32.19 10.68 -9.66
C3 NAG E . -31.80 11.55 -10.88
C4 NAG E . -31.78 13.05 -10.58
C5 NAG E . -31.03 13.29 -9.28
C6 NAG E . -30.97 14.74 -8.87
C7 NAG E . -32.51 8.25 -9.55
C8 NAG E . -31.91 6.90 -9.87
N2 NAG E . -31.78 9.30 -9.89
O3 NAG E . -32.75 11.30 -11.90
O4 NAG E . -31.11 13.71 -11.65
O5 NAG E . -31.71 12.59 -8.24
O6 NAG E . -31.94 15.05 -7.89
O7 NAG E . -33.60 8.35 -8.99
C1 BMA E . -31.89 14.81 -12.16
C2 BMA E . -30.90 15.96 -12.54
C3 BMA E . -31.70 17.13 -13.11
C4 BMA E . -32.65 16.69 -14.24
C5 BMA E . -33.55 15.56 -13.73
C6 BMA E . -34.58 15.07 -14.75
O2 BMA E . -29.98 15.54 -13.55
O3 BMA E . -30.85 18.19 -13.53
O4 BMA E . -33.44 17.79 -14.66
O5 BMA E . -32.71 14.46 -13.31
O6 BMA E . -34.11 13.87 -15.36
C1 FUC E . -34.45 12.16 -4.81
C2 FUC E . -34.89 13.64 -4.92
C3 FUC E . -34.98 14.08 -6.38
C4 FUC E . -35.88 13.14 -7.19
C5 FUC E . -35.40 11.69 -7.03
C6 FUC E . -36.36 10.67 -7.64
O2 FUC E . -34.02 14.50 -4.20
O3 FUC E . -35.54 15.39 -6.47
O4 FUC E . -37.23 13.26 -6.77
O5 FUC E . -35.24 11.31 -5.64
C1 NAG F . -4.90 17.20 13.27
C2 NAG F . -3.96 17.42 14.43
C3 NAG F . -4.10 16.26 15.43
C4 NAG F . -5.56 16.03 15.78
C5 NAG F . -6.46 16.00 14.54
C6 NAG F . -7.94 15.99 14.88
C7 NAG F . -1.90 18.69 14.07
C8 NAG F . -0.49 18.64 13.54
N2 NAG F . -2.59 17.55 13.98
O3 NAG F . -3.35 16.57 16.59
O4 NAG F . -5.68 14.74 16.39
O5 NAG F . -6.23 17.16 13.73
O6 NAG F . -8.27 17.05 15.75
O7 NAG F . -2.38 19.71 14.55
C1 NAG F . -5.75 14.78 17.83
C2 NAG F . -6.28 13.43 18.31
C3 NAG F . -6.27 13.36 19.83
C4 NAG F . -4.90 13.71 20.39
C5 NAG F . -4.48 15.08 19.84
C6 NAG F . -3.08 15.48 20.26
C7 NAG F . -7.85 12.37 16.75
C8 NAG F . -9.28 12.22 16.35
N2 NAG F . -7.61 13.17 17.78
O3 NAG F . -6.63 12.04 20.25
O4 NAG F . -4.97 13.76 21.81
O5 NAG F . -4.48 15.04 18.41
O6 NAG F . -2.10 14.84 19.46
O7 NAG F . -6.95 11.79 16.15
C1 BMA F . -3.97 12.92 22.43
C2 BMA F . -3.55 13.60 23.74
C3 BMA F . -2.50 12.77 24.45
C4 BMA F . -2.92 11.28 24.59
C5 BMA F . -3.43 10.72 23.24
C6 BMA F . -4.03 9.31 23.38
O2 BMA F . -4.68 13.71 24.62
O3 BMA F . -2.20 13.31 25.74
O4 BMA F . -1.80 10.52 25.02
O5 BMA F . -4.44 11.60 22.69
O6 BMA F . -5.31 9.42 24.00
C1 NAG G . -10.12 24.87 7.15
C2 NAG G . -11.10 26.03 7.32
C3 NAG G . -10.92 26.69 8.69
C4 NAG G . -10.99 25.65 9.80
C5 NAG G . -10.00 24.52 9.52
C6 NAG G . -10.09 23.38 10.51
C7 NAG G . -11.78 27.22 5.27
C8 NAG G . -11.39 28.27 4.27
N2 NAG G . -10.89 27.01 6.26
O3 NAG G . -11.96 27.64 8.89
O4 NAG G . -10.64 26.26 11.05
O5 NAG G . -10.26 23.96 8.23
O6 NAG G . -11.25 22.60 10.30
O7 NAG G . -12.83 26.60 5.20
C1 NAG G . -11.61 26.03 12.08
C2 NAG G . -10.96 26.41 13.43
C3 NAG G . -11.97 26.30 14.57
C4 NAG G . -13.24 27.08 14.26
C5 NAG G . -13.79 26.61 12.92
C6 NAG G . -15.03 27.36 12.48
C7 NAG G . -8.54 25.93 13.45
C8 NAG G . -7.48 24.94 13.79
N2 NAG G . -9.80 25.56 13.69
O3 NAG G . -11.37 26.82 15.76
O4 NAG G . -14.20 26.88 15.28
O5 NAG G . -12.81 26.80 11.90
O6 NAG G . -15.80 26.60 11.57
O7 NAG G . -8.27 27.03 12.96
C1 BMA G . -14.42 28.13 15.98
C2 BMA G . -15.85 28.09 16.61
C3 BMA G . -16.06 29.27 17.56
C4 BMA G . -14.90 29.38 18.56
C5 BMA G . -13.61 29.57 17.76
C6 BMA G . -12.37 29.85 18.61
O2 BMA G . -16.05 26.90 17.36
O3 BMA G . -17.31 29.20 18.24
O4 BMA G . -15.10 30.47 19.44
O5 BMA G . -13.40 28.37 16.97
O6 BMA G . -12.60 29.42 19.93
C1 FUC G . -11.50 28.99 8.63
C2 FUC G . -12.75 29.89 8.66
C3 FUC G . -13.31 29.95 10.08
C4 FUC G . -12.23 30.50 11.02
C5 FUC G . -11.01 29.58 10.94
C6 FUC G . -9.82 30.09 11.74
O2 FUC G . -13.75 29.47 7.75
O3 FUC G . -14.43 30.83 10.15
O4 FUC G . -11.88 31.81 10.61
O5 FUC G . -10.54 29.40 9.58
C1 NAG H . 27.82 0.07 -13.01
C2 NAG H . 27.21 0.67 -14.26
C3 NAG H . 26.45 -0.40 -15.04
C4 NAG H . 27.31 -1.64 -15.26
C5 NAG H . 28.03 -2.07 -13.98
C6 NAG H . 29.06 -3.16 -14.20
C7 NAG H . 26.66 3.06 -14.12
C8 NAG H . 25.64 4.07 -13.72
N2 NAG H . 26.34 1.78 -13.91
O3 NAG H . 26.03 0.15 -16.28
O4 NAG H . 26.48 -2.72 -15.65
O5 NAG H . 28.72 -0.97 -13.37
O6 NAG H . 29.85 -2.90 -15.35
O7 NAG H . 27.73 3.39 -14.63
C1 NAG H . 26.31 -2.91 -17.08
C2 NAG H . 25.59 -4.25 -17.28
C3 NAG H . 25.30 -4.49 -18.76
C4 NAG H . 24.58 -3.29 -19.36
C5 NAG H . 25.38 -2.03 -19.12
C6 NAG H . 24.70 -0.78 -19.62
C7 NAG H . 26.15 -5.81 -15.47
C8 NAG H . 27.02 -6.96 -15.07
N2 NAG H . 26.34 -5.35 -16.72
O3 NAG H . 24.53 -5.67 -18.92
O4 NAG H . 24.41 -3.49 -20.77
O5 NAG H . 25.57 -1.86 -17.70
O6 NAG H . 23.37 -0.68 -19.13
O7 NAG H . 25.33 -5.31 -14.72
C1 NAG I . 37.59 2.33 -7.98
C2 NAG I . 39.09 2.43 -8.31
C3 NAG I . 39.31 2.79 -9.78
C4 NAG I . 38.53 1.86 -10.70
C5 NAG I . 37.06 1.90 -10.29
C6 NAG I . 36.17 0.99 -11.12
C7 NAG I . 40.25 3.09 -6.24
C8 NAG I . 40.89 4.22 -5.49
N2 NAG I . 39.75 3.39 -7.45
O3 NAG I . 40.70 2.73 -10.08
O4 NAG I . 38.67 2.27 -12.06
O5 NAG I . 36.94 1.48 -8.93
O6 NAG I . 36.56 -0.37 -10.98
O7 NAG I . 40.20 1.95 -5.78
C1 NAG I . 39.10 1.16 -12.90
C2 NAG I . 38.90 1.51 -14.39
C3 NAG I . 39.42 0.37 -15.28
C4 NAG I . 40.85 0.02 -14.91
C5 NAG I . 40.96 -0.27 -13.41
C6 NAG I . 42.36 -0.54 -12.95
C7 NAG I . 36.90 2.94 -14.45
C8 NAG I . 35.45 3.02 -14.84
N2 NAG I . 37.50 1.78 -14.69
O3 NAG I . 39.35 0.76 -16.64
O4 NAG I . 41.27 -1.12 -15.64
O5 NAG I . 40.47 0.84 -12.65
O6 NAG I . 42.39 -1.59 -11.99
O7 NAG I . 37.49 3.88 -13.94
#